data_1MPG
#
_entry.id   1MPG
#
_cell.length_a   58.080
_cell.length_b   75.770
_cell.length_c   60.920
_cell.angle_alpha   90.00
_cell.angle_beta   109.94
_cell.angle_gamma   90.00
#
_symmetry.space_group_name_H-M   'P 1 21 1'
#
loop_
_entity.id
_entity.type
_entity.pdbx_description
1 polymer '3-METHYLADENINE DNA GLYCOSYLASE II'
2 non-polymer GLYCEROL
3 water water
#
_entity_poly.entity_id   1
_entity_poly.type   'polypeptide(L)'
_entity_poly.pdbx_seq_one_letter_code
;MYTLNWQPPYDWSWMLGFLAARAVSSVETVADSYYARSLAVGEYRGVVTAIPDIARHTLHINLSAGLEPVAAECLAKMSR
LFDLQCNPQIVNGALGRLGAARPGLRLPGCVDAFEQGVRAILGQLVSVAMAAKLTARVAQLYGERLDDFPEYICFPTPQR
LAAADPQALKALGMPLKRAEALIHLANAALEGTLPMTIPGDVEQAMKTLQTFPGIGRWTANYFALRGWQAKDVFLPDDYL
IKQRFPGMTPAQIRRYAERWKPWRSYALLHIWYTEGWQPDEA
;
_entity_poly.pdbx_strand_id   A,B
#
# COMPACT_ATOMS: atom_id res chain seq x y z
N MET A 1 21.94 34.84 23.63
CA MET A 1 22.69 35.63 22.60
C MET A 1 21.79 35.99 21.41
N TYR A 2 21.12 34.99 20.86
CA TYR A 2 20.21 35.16 19.74
C TYR A 2 18.84 34.73 20.24
N THR A 3 17.81 35.32 19.67
CA THR A 3 16.43 35.02 20.06
C THR A 3 15.53 34.80 18.87
N LEU A 4 14.74 33.74 18.92
CA LEU A 4 13.80 33.44 17.83
C LEU A 4 12.43 33.28 18.48
N ASN A 5 11.41 33.74 17.78
CA ASN A 5 10.05 33.68 18.28
C ASN A 5 9.25 32.48 17.79
N TRP A 6 8.24 32.10 18.57
CA TRP A 6 7.31 31.02 18.22
C TRP A 6 5.90 31.51 18.60
N GLN A 7 4.87 30.90 18.00
CA GLN A 7 3.48 31.26 18.25
C GLN A 7 2.89 30.27 19.25
N PRO A 8 2.36 30.77 20.39
CA PRO A 8 1.78 29.86 21.39
C PRO A 8 0.56 29.15 20.81
N PRO A 9 0.26 27.94 21.30
CA PRO A 9 1.03 27.23 22.34
C PRO A 9 2.15 26.36 21.80
N TYR A 10 3.11 26.05 22.67
CA TYR A 10 4.25 25.20 22.31
C TYR A 10 4.47 24.31 23.53
N ASP A 11 4.42 23.00 23.31
CA ASP A 11 4.59 22.03 24.39
C ASP A 11 6.07 21.64 24.46
N TRP A 12 6.82 22.42 25.22
CA TRP A 12 8.25 22.16 25.37
C TRP A 12 8.60 20.90 26.13
N SER A 13 7.75 20.51 27.08
CA SER A 13 7.98 19.30 27.85
C SER A 13 7.91 18.11 26.89
N TRP A 14 6.91 18.11 26.01
CA TRP A 14 6.75 17.03 25.04
C TRP A 14 7.91 17.00 24.05
N MET A 15 8.26 18.17 23.53
CA MET A 15 9.37 18.28 22.57
C MET A 15 10.69 17.80 23.16
N LEU A 16 11.05 18.33 24.33
CA LEU A 16 12.31 17.94 24.96
C LEU A 16 12.27 16.46 25.33
N GLY A 17 11.09 15.97 25.71
CA GLY A 17 10.91 14.58 26.05
C GLY A 17 11.20 13.74 24.82
N PHE A 18 10.65 14.15 23.68
CA PHE A 18 10.82 13.48 22.39
C PHE A 18 12.31 13.35 22.04
N LEU A 19 13.02 14.49 22.08
CA LEU A 19 14.44 14.57 21.79
C LEU A 19 15.31 13.85 22.80
N ALA A 20 14.91 13.85 24.08
CA ALA A 20 15.65 13.18 25.15
C ALA A 20 15.68 11.66 24.93
N ALA A 21 14.56 11.10 24.54
CA ALA A 21 14.47 9.65 24.28
C ALA A 21 15.41 9.23 23.14
N ARG A 22 15.54 10.13 22.15
CA ARG A 22 16.36 9.92 20.96
C ARG A 22 17.78 10.52 21.01
N ALA A 23 18.10 11.20 22.09
CA ALA A 23 19.41 11.83 22.26
C ALA A 23 20.59 10.87 22.13
N VAL A 24 21.52 11.24 21.25
CA VAL A 24 22.72 10.44 21.01
C VAL A 24 23.80 10.89 22.00
N SER A 25 24.28 9.94 22.81
CA SER A 25 25.30 10.20 23.82
C SER A 25 26.53 10.83 23.20
N SER A 26 27.09 11.82 23.91
CA SER A 26 28.27 12.59 23.53
C SER A 26 28.00 13.63 22.43
N VAL A 27 26.89 13.50 21.73
CA VAL A 27 26.49 14.43 20.68
C VAL A 27 25.46 15.43 21.21
N GLU A 28 24.38 14.90 21.80
CA GLU A 28 23.30 15.74 22.35
C GLU A 28 23.12 15.62 23.88
N THR A 29 22.62 16.71 24.46
CA THR A 29 22.34 16.81 25.88
C THR A 29 20.96 17.47 25.99
N VAL A 30 19.98 16.72 26.51
CA VAL A 30 18.63 17.24 26.66
C VAL A 30 18.24 17.25 28.15
N ALA A 31 17.72 18.40 28.58
CA ALA A 31 17.29 18.56 29.96
C ALA A 31 15.91 19.20 29.98
N ASP A 32 15.34 19.37 31.17
CA ASP A 32 14.02 19.96 31.32
C ASP A 32 13.91 21.40 30.82
N SER A 33 14.98 22.16 30.97
CA SER A 33 15.01 23.55 30.59
C SER A 33 15.78 23.96 29.33
N TYR A 34 16.48 23.01 28.73
CA TYR A 34 17.26 23.31 27.52
C TYR A 34 17.60 22.07 26.72
N TYR A 35 18.13 22.35 25.54
CA TYR A 35 18.57 21.35 24.59
C TYR A 35 19.92 21.88 24.11
N ALA A 36 20.92 21.02 24.12
CA ALA A 36 22.26 21.39 23.67
C ALA A 36 22.93 20.27 22.87
N ARG A 37 23.73 20.64 21.87
CA ARG A 37 24.44 19.63 21.08
C ARG A 37 25.64 20.18 20.33
N SER A 38 26.54 19.28 19.92
CA SER A 38 27.70 19.68 19.13
C SER A 38 27.11 19.98 17.74
N LEU A 39 27.82 20.77 16.96
CA LEU A 39 27.37 21.13 15.62
C LEU A 39 28.55 21.55 14.81
N ALA A 40 28.53 21.13 13.55
CA ALA A 40 29.58 21.46 12.58
C ALA A 40 28.88 21.99 11.34
N VAL A 41 29.36 23.11 10.84
CA VAL A 41 28.81 23.74 9.65
C VAL A 41 30.07 23.98 8.83
N GLY A 42 30.33 23.07 7.89
CA GLY A 42 31.53 23.17 7.08
C GLY A 42 32.67 22.94 8.04
N GLU A 43 33.60 23.88 8.11
CA GLU A 43 34.75 23.76 9.01
C GLU A 43 34.56 24.39 10.39
N TYR A 44 33.42 25.05 10.59
CA TYR A 44 33.11 25.67 11.87
C TYR A 44 32.45 24.64 12.78
N ARG A 45 32.96 24.55 14.02
CA ARG A 45 32.47 23.59 15.00
C ARG A 45 32.31 24.20 16.39
N GLY A 46 31.35 23.66 17.16
CA GLY A 46 31.10 24.15 18.51
C GLY A 46 29.87 23.51 19.11
N VAL A 47 29.31 24.16 20.12
CA VAL A 47 28.11 23.68 20.82
C VAL A 47 27.00 24.74 20.70
N VAL A 48 25.80 24.28 20.35
CA VAL A 48 24.65 25.17 20.25
C VAL A 48 23.75 24.79 21.42
N THR A 49 23.20 25.81 22.10
CA THR A 49 22.31 25.61 23.23
C THR A 49 21.04 26.39 22.98
N ALA A 50 19.88 25.73 23.11
CA ALA A 50 18.58 26.34 22.91
C ALA A 50 17.85 26.38 24.27
N ILE A 51 17.50 27.57 24.71
CA ILE A 51 16.83 27.72 26.01
C ILE A 51 15.48 28.40 25.82
N PRO A 52 14.39 27.65 25.95
CA PRO A 52 13.09 28.31 25.78
C PRO A 52 12.68 29.22 26.94
N ASP A 53 12.04 30.32 26.60
CA ASP A 53 11.50 31.30 27.56
C ASP A 53 10.00 31.13 27.24
N ILE A 54 9.36 30.22 27.98
CA ILE A 54 7.94 29.90 27.78
C ILE A 54 6.95 31.06 27.78
N ALA A 55 6.96 31.88 28.83
CA ALA A 55 6.06 33.03 28.97
C ALA A 55 6.19 34.03 27.84
N ARG A 56 7.44 34.32 27.45
CA ARG A 56 7.70 35.27 26.37
C ARG A 56 7.74 34.63 24.98
N HIS A 57 7.47 33.33 24.89
CA HIS A 57 7.48 32.55 23.62
C HIS A 57 8.66 32.91 22.69
N THR A 58 9.84 32.87 23.31
CA THR A 58 11.10 33.19 22.69
C THR A 58 12.11 32.11 22.98
N LEU A 59 12.75 31.60 21.95
CA LEU A 59 13.77 30.57 22.12
C LEU A 59 15.14 31.28 22.09
N HIS A 60 15.90 31.18 23.17
CA HIS A 60 17.22 31.80 23.24
C HIS A 60 18.27 30.83 22.77
N ILE A 61 19.09 31.28 21.82
CA ILE A 61 20.13 30.42 21.28
C ILE A 61 21.52 30.92 21.68
N ASN A 62 22.32 30.03 22.26
CA ASN A 62 23.68 30.36 22.66
C ASN A 62 24.58 29.49 21.80
N LEU A 63 25.67 30.09 21.31
CA LEU A 63 26.65 29.43 20.45
C LEU A 63 28.03 29.59 21.03
N SER A 64 28.83 28.53 21.00
CA SER A 64 30.20 28.63 21.51
C SER A 64 30.97 29.41 20.42
N ALA A 65 32.15 29.93 20.74
CA ALA A 65 32.96 30.72 19.82
C ALA A 65 33.15 30.19 18.40
N GLY A 66 33.40 28.89 18.26
CA GLY A 66 33.63 28.29 16.95
C GLY A 66 32.52 28.41 15.91
N LEU A 67 31.28 28.53 16.38
CA LEU A 67 30.12 28.64 15.52
C LEU A 67 29.65 30.05 15.20
N GLU A 68 30.18 31.05 15.90
CA GLU A 68 29.80 32.44 15.66
C GLU A 68 29.89 32.91 14.20
N PRO A 69 30.93 32.50 13.45
CA PRO A 69 31.03 32.93 12.05
C PRO A 69 29.83 32.47 11.20
N VAL A 70 29.22 31.36 11.61
CA VAL A 70 28.05 30.82 10.89
C VAL A 70 26.80 30.82 11.77
N ALA A 71 26.69 31.82 12.65
CA ALA A 71 25.55 31.95 13.58
C ALA A 71 24.16 31.81 12.95
N ALA A 72 23.94 32.51 11.84
CA ALA A 72 22.67 32.49 11.14
C ALA A 72 22.26 31.11 10.68
N GLU A 73 23.21 30.35 10.15
CA GLU A 73 22.89 29.00 9.71
C GLU A 73 22.57 28.10 10.91
N CYS A 74 23.23 28.34 12.04
CA CYS A 74 22.97 27.57 13.28
C CYS A 74 21.55 27.90 13.77
N LEU A 75 21.15 29.18 13.64
CA LEU A 75 19.80 29.59 14.05
C LEU A 75 18.78 28.92 13.14
N ALA A 76 19.09 28.87 11.84
CA ALA A 76 18.20 28.24 10.86
C ALA A 76 18.03 26.74 11.20
N LYS A 77 19.13 26.06 11.56
CA LYS A 77 19.08 24.63 11.92
C LYS A 77 18.20 24.40 13.16
N MET A 78 18.32 25.31 14.14
CA MET A 78 17.52 25.23 15.37
C MET A 78 16.03 25.41 15.07
N SER A 79 15.72 26.36 14.19
CA SER A 79 14.35 26.66 13.81
C SER A 79 13.69 25.45 13.18
N ARG A 80 14.46 24.71 12.39
CA ARG A 80 13.95 23.52 11.73
C ARG A 80 13.82 22.37 12.70
N LEU A 81 14.71 22.31 13.69
CA LEU A 81 14.63 21.23 14.69
C LEU A 81 13.39 21.44 15.57
N PHE A 82 13.13 22.70 15.92
CA PHE A 82 12.03 23.04 16.80
C PHE A 82 10.72 23.45 16.20
N ASP A 83 10.63 23.46 14.87
CA ASP A 83 9.40 23.81 14.18
C ASP A 83 8.82 25.14 14.66
N LEU A 84 9.68 26.16 14.69
CA LEU A 84 9.28 27.50 15.14
C LEU A 84 8.27 28.18 14.22
N GLN A 85 8.21 27.72 12.96
CA GLN A 85 7.28 28.27 11.96
C GLN A 85 5.81 27.90 12.19
N CYS A 86 5.59 26.82 12.91
CA CYS A 86 4.23 26.34 13.13
C CYS A 86 3.18 27.30 13.66
N ASN A 87 2.05 27.35 12.94
CA ASN A 87 0.92 28.18 13.34
C ASN A 87 0.02 27.08 13.90
N PRO A 88 0.01 26.90 15.23
CA PRO A 88 -0.81 25.86 15.87
C PRO A 88 -2.33 25.98 15.70
N GLN A 89 -2.82 27.21 15.57
CA GLN A 89 -4.24 27.46 15.37
C GLN A 89 -4.72 26.84 14.07
N ILE A 90 -3.94 26.98 13.00
CA ILE A 90 -4.30 26.41 11.71
C ILE A 90 -4.25 24.87 11.76
N VAL A 91 -3.17 24.31 12.32
CA VAL A 91 -3.03 22.87 12.41
C VAL A 91 -4.12 22.29 13.31
N ASN A 92 -4.31 22.84 14.50
CA ASN A 92 -5.34 22.34 15.42
C ASN A 92 -6.75 22.55 14.91
N GLY A 93 -6.94 23.58 14.10
CA GLY A 93 -8.24 23.86 13.55
C GLY A 93 -8.62 22.77 12.56
N ALA A 94 -7.64 22.29 11.81
CA ALA A 94 -7.83 21.25 10.82
C ALA A 94 -7.92 19.85 11.43
N LEU A 95 -7.00 19.51 12.31
CA LEU A 95 -6.98 18.20 12.97
C LEU A 95 -8.14 17.96 13.93
N GLY A 96 -8.68 19.05 14.48
CA GLY A 96 -9.79 18.96 15.42
C GLY A 96 -9.53 18.17 16.69
N ARG A 97 -10.41 17.21 16.97
CA ARG A 97 -10.35 16.35 18.15
C ARG A 97 -9.01 15.66 18.37
N LEU A 98 -8.37 15.22 17.28
CA LEU A 98 -7.07 14.52 17.35
C LEU A 98 -5.97 15.32 18.05
N GLY A 99 -5.96 16.62 17.81
CA GLY A 99 -4.94 17.46 18.43
C GLY A 99 -5.28 18.09 19.77
N ALA A 100 -6.53 17.95 20.20
CA ALA A 100 -7.02 18.53 21.45
C ALA A 100 -6.24 18.23 22.73
N ALA A 101 -5.68 17.03 22.85
CA ALA A 101 -4.91 16.67 24.04
C ALA A 101 -3.56 17.36 24.10
N ARG A 102 -2.98 17.63 22.93
CA ARG A 102 -1.67 18.29 22.86
C ARG A 102 -1.64 19.39 21.80
N PRO A 103 -2.36 20.51 22.03
CA PRO A 103 -2.37 21.61 21.05
C PRO A 103 -0.99 22.22 20.75
N GLY A 104 -0.06 22.08 21.70
CA GLY A 104 1.28 22.61 21.54
C GLY A 104 2.29 21.68 20.88
N LEU A 105 1.83 20.52 20.44
CA LEU A 105 2.67 19.52 19.77
C LEU A 105 3.30 20.16 18.51
N ARG A 106 4.58 19.89 18.27
CA ARG A 106 5.27 20.43 17.09
C ARG A 106 5.97 19.27 16.37
N LEU A 107 6.44 19.53 15.15
CA LEU A 107 7.15 18.52 14.37
C LEU A 107 8.66 18.59 14.72
N PRO A 108 9.21 17.57 15.43
CA PRO A 108 10.64 17.61 15.78
C PRO A 108 11.44 17.37 14.50
N GLY A 109 12.17 18.39 14.03
CA GLY A 109 12.95 18.22 12.81
C GLY A 109 14.35 17.71 13.05
N CYS A 110 15.32 18.38 12.45
CA CYS A 110 16.70 18.00 12.59
C CYS A 110 17.59 19.20 12.37
N VAL A 111 18.87 18.98 12.60
CA VAL A 111 19.87 20.01 12.44
C VAL A 111 20.66 19.83 11.13
N ASP A 112 20.62 18.63 10.55
CA ASP A 112 21.33 18.32 9.31
C ASP A 112 20.66 17.13 8.65
N ALA A 113 20.28 17.29 7.38
CA ALA A 113 19.61 16.23 6.64
C ALA A 113 20.44 14.96 6.46
N PHE A 114 21.76 15.09 6.31
CA PHE A 114 22.60 13.90 6.15
C PHE A 114 22.53 13.09 7.45
N GLU A 115 22.71 13.77 8.58
CA GLU A 115 22.64 13.13 9.89
C GLU A 115 21.26 12.48 10.08
N GLN A 116 20.20 13.19 9.68
CA GLN A 116 18.86 12.63 9.85
C GLN A 116 18.66 11.40 8.97
N GLY A 117 19.33 11.39 7.81
CA GLY A 117 19.25 10.27 6.90
C GLY A 117 19.89 9.05 7.55
N VAL A 118 21.04 9.23 8.19
CA VAL A 118 21.73 8.14 8.88
C VAL A 118 20.85 7.65 10.01
N ARG A 119 20.24 8.59 10.73
CA ARG A 119 19.36 8.25 11.83
C ARG A 119 18.12 7.48 11.40
N ALA A 120 17.56 7.84 10.24
CA ALA A 120 16.38 7.18 9.69
C ALA A 120 16.71 5.73 9.32
N ILE A 121 17.89 5.53 8.74
CA ILE A 121 18.33 4.19 8.35
C ILE A 121 18.58 3.36 9.61
N LEU A 122 19.24 3.95 10.61
CA LEU A 122 19.52 3.24 11.86
C LEU A 122 18.27 2.98 12.71
N GLY A 123 17.19 3.72 12.42
CA GLY A 123 15.95 3.56 13.15
C GLY A 123 15.08 2.45 12.59
N GLN A 124 15.55 1.82 11.51
CA GLN A 124 14.84 0.72 10.86
C GLN A 124 14.76 -0.53 11.72
N LEU A 125 13.54 -1.07 11.80
CA LEU A 125 13.23 -2.29 12.55
C LEU A 125 13.74 -2.41 13.99
N VAL A 126 14.17 -1.29 14.59
CA VAL A 126 14.65 -1.30 15.97
C VAL A 126 13.95 -0.21 16.76
N SER A 127 13.98 -0.36 18.09
CA SER A 127 13.34 0.59 19.00
C SER A 127 14.11 1.93 19.07
N VAL A 128 13.46 2.94 19.67
CA VAL A 128 14.07 4.27 19.85
C VAL A 128 15.35 4.12 20.68
N ALA A 129 15.28 3.38 21.78
CA ALA A 129 16.43 3.17 22.65
C ALA A 129 17.63 2.49 21.95
N MET A 130 17.35 1.42 21.20
CA MET A 130 18.40 0.69 20.48
C MET A 130 19.03 1.54 19.38
N ALA A 131 18.18 2.27 18.66
CA ALA A 131 18.61 3.16 17.57
C ALA A 131 19.57 4.24 18.09
N ALA A 132 19.25 4.82 19.24
CA ALA A 132 20.07 5.86 19.83
C ALA A 132 21.43 5.29 20.24
N LYS A 133 21.43 4.07 20.80
CA LYS A 133 22.66 3.40 21.24
C LYS A 133 23.54 3.06 20.03
N LEU A 134 22.90 2.66 18.94
CA LEU A 134 23.60 2.29 17.71
C LEU A 134 24.18 3.54 17.07
N THR A 135 23.41 4.63 17.09
CA THR A 135 23.86 5.90 16.52
C THR A 135 25.04 6.46 17.33
N ALA A 136 24.98 6.25 18.65
CA ALA A 136 26.04 6.71 19.56
C ALA A 136 27.34 5.98 19.19
N ARG A 137 27.24 4.67 18.93
CA ARG A 137 28.41 3.86 18.55
C ARG A 137 29.01 4.39 17.25
N VAL A 138 28.15 4.73 16.29
CA VAL A 138 28.59 5.25 15.00
C VAL A 138 29.31 6.59 15.22
N ALA A 139 28.71 7.48 16.03
CA ALA A 139 29.32 8.80 16.31
C ALA A 139 30.65 8.64 17.04
N GLN A 140 30.71 7.69 17.97
CA GLN A 140 31.92 7.44 18.74
C GLN A 140 33.09 6.97 17.87
N LEU A 141 32.80 6.12 16.89
CA LEU A 141 33.83 5.58 16.01
C LEU A 141 34.24 6.51 14.87
N TYR A 142 33.28 7.27 14.34
CA TYR A 142 33.55 8.16 13.21
C TYR A 142 33.43 9.66 13.44
N GLY A 143 33.06 10.05 14.65
CA GLY A 143 32.91 11.46 14.95
C GLY A 143 34.17 12.12 15.47
N GLU A 144 34.24 13.43 15.30
CA GLU A 144 35.39 14.22 15.75
C GLU A 144 35.02 14.97 17.02
N ARG A 145 35.81 14.79 18.08
CA ARG A 145 35.54 15.48 19.33
C ARG A 145 35.90 16.94 19.16
N LEU A 146 35.23 17.80 19.94
CA LEU A 146 35.48 19.22 19.90
C LEU A 146 36.72 19.46 20.78
N ASP A 147 37.63 20.31 20.32
CA ASP A 147 38.84 20.61 21.08
C ASP A 147 38.54 21.45 22.31
N ASP A 148 37.67 22.45 22.15
CA ASP A 148 37.30 23.32 23.25
C ASP A 148 36.28 22.75 24.23
N PHE A 149 35.54 21.73 23.79
CA PHE A 149 34.52 21.05 24.60
C PHE A 149 34.66 19.54 24.37
N PRO A 150 35.68 18.92 24.99
CA PRO A 150 36.04 17.48 24.92
C PRO A 150 34.92 16.49 25.22
N GLU A 151 33.94 16.87 26.04
CA GLU A 151 32.83 15.98 26.38
C GLU A 151 31.87 15.77 25.19
N TYR A 152 32.02 16.60 24.16
CA TYR A 152 31.22 16.55 22.95
C TYR A 152 31.96 16.04 21.73
N ILE A 153 31.25 15.24 20.95
CA ILE A 153 31.77 14.68 19.71
C ILE A 153 30.78 15.09 18.63
N CYS A 154 31.30 15.50 17.48
CA CYS A 154 30.44 15.90 16.37
C CYS A 154 29.95 14.67 15.64
N PHE A 155 28.76 14.77 15.06
CA PHE A 155 28.19 13.65 14.31
C PHE A 155 29.13 13.42 13.11
N PRO A 156 29.34 12.15 12.73
CA PRO A 156 30.22 11.81 11.60
C PRO A 156 29.91 12.59 10.32
N THR A 157 30.98 13.05 9.67
CA THR A 157 30.87 13.81 8.41
C THR A 157 30.61 12.81 7.28
N PRO A 158 29.99 13.25 6.17
CA PRO A 158 29.71 12.36 5.03
C PRO A 158 31.03 11.73 4.52
N GLN A 159 32.12 12.51 4.57
CA GLN A 159 33.44 12.07 4.12
C GLN A 159 33.97 10.87 4.89
N ARG A 160 33.84 10.91 6.22
CA ARG A 160 34.31 9.83 7.07
C ARG A 160 33.45 8.57 6.87
N LEU A 161 32.13 8.74 6.85
CA LEU A 161 31.24 7.60 6.65
C LEU A 161 31.30 6.97 5.26
N ALA A 162 31.64 7.77 4.25
CA ALA A 162 31.76 7.28 2.87
C ALA A 162 32.94 6.31 2.79
N ALA A 163 33.99 6.58 3.54
CA ALA A 163 35.17 5.74 3.56
C ALA A 163 35.14 4.68 4.63
N ALA A 164 34.01 4.52 5.31
CA ALA A 164 33.88 3.52 6.37
C ALA A 164 33.84 2.09 5.84
N ASP A 165 34.44 1.17 6.59
CA ASP A 165 34.45 -0.24 6.22
C ASP A 165 33.06 -0.77 6.57
N PRO A 166 32.32 -1.36 5.59
CA PRO A 166 30.97 -1.90 5.83
C PRO A 166 30.97 -2.86 7.02
N GLN A 167 32.04 -3.63 7.17
CA GLN A 167 32.19 -4.57 8.27
C GLN A 167 32.35 -3.86 9.63
N ALA A 168 32.94 -2.64 9.63
CA ALA A 168 33.11 -1.88 10.87
C ALA A 168 31.72 -1.44 11.36
N LEU A 169 30.94 -0.84 10.46
CA LEU A 169 29.58 -0.41 10.78
C LEU A 169 28.73 -1.63 11.21
N LYS A 170 28.87 -2.74 10.48
CA LYS A 170 28.13 -3.96 10.77
C LYS A 170 28.48 -4.42 12.19
N ALA A 171 29.76 -4.34 12.54
CA ALA A 171 30.23 -4.73 13.87
C ALA A 171 29.53 -3.95 15.01
N LEU A 172 29.17 -2.70 14.74
CA LEU A 172 28.49 -1.84 15.72
C LEU A 172 27.08 -2.30 16.08
N GLY A 173 26.56 -3.27 15.31
CA GLY A 173 25.23 -3.80 15.57
C GLY A 173 24.14 -3.58 14.55
N MET A 174 24.47 -3.77 13.28
CA MET A 174 23.50 -3.59 12.21
C MET A 174 23.81 -4.60 11.09
N PRO A 175 22.81 -4.95 10.25
CA PRO A 175 23.03 -5.91 9.15
C PRO A 175 23.99 -5.27 8.15
N LEU A 176 24.67 -6.09 7.35
CA LEU A 176 25.60 -5.55 6.35
C LEU A 176 24.92 -4.60 5.38
N LYS A 177 23.73 -4.96 4.91
CA LYS A 177 22.98 -4.11 3.97
C LYS A 177 22.72 -2.71 4.54
N ARG A 178 22.51 -2.64 5.85
CA ARG A 178 22.26 -1.36 6.51
C ARG A 178 23.55 -0.53 6.50
N ALA A 179 24.67 -1.20 6.78
CA ALA A 179 25.98 -0.54 6.79
C ALA A 179 26.24 0.02 5.37
N GLU A 180 25.90 -0.77 4.35
CA GLU A 180 26.05 -0.38 2.95
C GLU A 180 25.14 0.81 2.61
N ALA A 181 23.93 0.80 3.17
CA ALA A 181 22.98 1.89 2.93
C ALA A 181 23.57 3.21 3.46
N LEU A 182 24.20 3.16 4.64
CA LEU A 182 24.80 4.37 5.23
C LEU A 182 25.92 4.93 4.38
N ILE A 183 26.79 4.05 3.90
CA ILE A 183 27.91 4.46 3.06
C ILE A 183 27.40 5.09 1.77
N HIS A 184 26.34 4.52 1.18
CA HIS A 184 25.78 5.07 -0.05
C HIS A 184 25.19 6.46 0.25
N LEU A 185 24.46 6.58 1.35
CA LEU A 185 23.86 7.85 1.74
C LEU A 185 24.96 8.92 1.93
N ALA A 186 26.10 8.52 2.50
CA ALA A 186 27.23 9.42 2.73
C ALA A 186 27.70 9.96 1.38
N ASN A 187 27.88 9.07 0.40
CA ASN A 187 28.31 9.47 -0.94
C ASN A 187 27.31 10.42 -1.59
N ALA A 188 26.02 10.17 -1.39
CA ALA A 188 24.95 11.01 -1.94
C ALA A 188 25.01 12.45 -1.38
N ALA A 189 25.45 12.57 -0.13
CA ALA A 189 25.57 13.87 0.51
C ALA A 189 26.77 14.61 -0.07
N LEU A 190 27.85 13.88 -0.34
CA LEU A 190 29.07 14.46 -0.89
C LEU A 190 28.79 14.98 -2.31
N GLU A 191 28.06 14.17 -3.08
CA GLU A 191 27.70 14.52 -4.46
C GLU A 191 26.59 15.55 -4.62
N GLY A 192 25.78 15.75 -3.59
CA GLY A 192 24.67 16.69 -3.65
C GLY A 192 23.36 16.05 -4.10
N THR A 193 23.36 14.71 -4.17
CA THR A 193 22.20 13.89 -4.59
C THR A 193 21.08 13.84 -3.54
N LEU A 194 21.48 13.89 -2.27
CA LEU A 194 20.54 13.85 -1.13
C LEU A 194 20.04 15.26 -0.86
N PRO A 195 18.72 15.50 -1.06
CA PRO A 195 18.18 16.86 -0.82
C PRO A 195 18.41 17.25 0.66
N MET A 196 19.14 18.35 0.86
CA MET A 196 19.44 18.83 2.20
C MET A 196 18.38 19.75 2.77
N THR A 197 17.41 20.09 1.93
CA THR A 197 16.30 20.96 2.28
C THR A 197 15.12 20.35 1.54
N ILE A 198 13.91 20.60 2.06
CA ILE A 198 12.69 20.07 1.47
C ILE A 198 12.54 20.50 0.02
N PRO A 199 12.40 19.51 -0.88
CA PRO A 199 12.25 19.85 -2.29
C PRO A 199 10.83 20.35 -2.59
N GLY A 200 10.65 20.91 -3.78
CA GLY A 200 9.36 21.42 -4.18
C GLY A 200 8.32 20.33 -4.36
N ASP A 201 8.80 19.12 -4.63
CA ASP A 201 7.91 17.98 -4.82
C ASP A 201 8.39 16.86 -3.92
N VAL A 202 7.79 16.78 -2.74
CA VAL A 202 8.14 15.79 -1.73
C VAL A 202 7.94 14.35 -2.19
N GLU A 203 6.79 14.07 -2.81
CA GLU A 203 6.49 12.72 -3.29
C GLU A 203 7.49 12.23 -4.34
N GLN A 204 7.86 13.09 -5.28
CA GLN A 204 8.84 12.72 -6.32
C GLN A 204 10.17 12.40 -5.69
N ALA A 205 10.56 13.24 -4.73
CA ALA A 205 11.83 13.08 -4.03
C ALA A 205 11.90 11.81 -3.17
N MET A 206 10.80 11.43 -2.53
CA MET A 206 10.80 10.19 -1.72
C MET A 206 10.89 8.96 -2.60
N LYS A 207 10.29 9.04 -3.78
CA LYS A 207 10.30 7.96 -4.77
C LYS A 207 11.76 7.75 -5.19
N THR A 208 12.46 8.86 -5.39
CA THR A 208 13.87 8.86 -5.78
C THR A 208 14.75 8.30 -4.65
N LEU A 209 14.37 8.57 -3.40
CA LEU A 209 15.13 8.08 -2.25
C LEU A 209 15.08 6.56 -2.16
N GLN A 210 13.92 6.01 -2.50
CA GLN A 210 13.73 4.58 -2.46
C GLN A 210 14.46 3.77 -3.54
N THR A 211 15.23 4.47 -4.39
CA THR A 211 16.02 3.83 -5.45
C THR A 211 17.44 3.66 -4.90
N PHE A 212 17.68 4.23 -3.71
CA PHE A 212 18.97 4.16 -3.01
C PHE A 212 18.96 2.80 -2.34
N PRO A 213 20.10 2.10 -2.29
CA PRO A 213 20.09 0.78 -1.65
C PRO A 213 19.77 0.86 -0.15
N GLY A 214 18.94 -0.07 0.32
CA GLY A 214 18.59 -0.10 1.72
C GLY A 214 17.66 0.96 2.28
N ILE A 215 16.93 1.67 1.43
CA ILE A 215 15.98 2.68 1.90
C ILE A 215 14.59 2.27 1.44
N GLY A 216 13.81 1.77 2.40
CA GLY A 216 12.45 1.34 2.11
C GLY A 216 11.46 2.48 2.26
N ARG A 217 10.17 2.17 2.17
CA ARG A 217 9.12 3.19 2.29
C ARG A 217 9.10 3.89 3.66
N TRP A 218 9.22 3.14 4.75
CA TRP A 218 9.22 3.75 6.10
C TRP A 218 10.39 4.74 6.27
N THR A 219 11.59 4.33 5.89
CA THR A 219 12.77 5.20 6.00
C THR A 219 12.61 6.46 5.16
N ALA A 220 12.12 6.31 3.94
CA ALA A 220 11.93 7.47 3.06
C ALA A 220 10.88 8.42 3.65
N ASN A 221 9.80 7.86 4.20
CA ASN A 221 8.71 8.64 4.81
C ASN A 221 9.19 9.38 6.06
N TYR A 222 9.90 8.63 6.93
CA TYR A 222 10.41 9.18 8.17
C TYR A 222 11.50 10.23 7.92
N PHE A 223 12.32 10.00 6.91
CA PHE A 223 13.37 10.96 6.57
C PHE A 223 12.69 12.24 6.05
N ALA A 224 11.70 12.13 5.17
CA ALA A 224 11.00 13.30 4.65
C ALA A 224 10.38 14.11 5.81
N LEU A 225 9.77 13.38 6.75
CA LEU A 225 9.13 13.98 7.92
C LEU A 225 10.09 14.75 8.83
N ARG A 226 11.18 14.14 9.24
CA ARG A 226 12.16 14.78 10.12
C ARG A 226 13.26 15.52 9.39
N GLY A 227 13.81 14.89 8.35
CA GLY A 227 14.90 15.46 7.55
C GLY A 227 14.52 16.65 6.72
N TRP A 228 13.31 16.65 6.17
CA TRP A 228 12.83 17.77 5.36
C TRP A 228 11.71 18.54 6.06
N GLN A 229 11.22 18.01 7.16
CA GLN A 229 10.13 18.56 7.95
C GLN A 229 8.89 18.66 7.07
N ALA A 230 8.74 17.66 6.21
CA ALA A 230 7.59 17.57 5.31
C ALA A 230 6.38 17.44 6.25
N LYS A 231 5.37 18.29 6.05
CA LYS A 231 4.20 18.28 6.92
C LYS A 231 3.05 17.37 6.56
N ASP A 232 3.13 16.71 5.40
CA ASP A 232 2.03 15.85 5.00
C ASP A 232 2.41 14.40 4.76
N VAL A 233 3.17 13.82 5.68
CA VAL A 233 3.56 12.44 5.52
C VAL A 233 3.14 11.58 6.72
N PHE A 234 2.62 10.40 6.44
CA PHE A 234 2.21 9.48 7.51
C PHE A 234 3.14 8.27 7.42
N LEU A 235 3.14 7.43 8.45
CA LEU A 235 3.98 6.23 8.49
C LEU A 235 3.12 4.97 8.69
N PRO A 236 2.43 4.53 7.63
CA PRO A 236 1.57 3.34 7.69
C PRO A 236 2.26 2.01 7.97
N ASP A 237 3.60 1.98 7.83
CA ASP A 237 4.43 0.79 8.08
C ASP A 237 5.04 0.82 9.47
N ASP A 238 4.89 1.93 10.18
CA ASP A 238 5.45 2.11 11.51
C ASP A 238 4.90 1.11 12.50
N TYR A 239 5.82 0.50 13.25
CA TYR A 239 5.49 -0.50 14.25
C TYR A 239 4.43 -0.06 15.24
N LEU A 240 4.62 1.11 15.85
CA LEU A 240 3.64 1.63 16.81
C LEU A 240 2.33 2.03 16.14
N ILE A 241 2.39 2.56 14.92
CA ILE A 241 1.17 2.95 14.19
C ILE A 241 0.32 1.70 13.92
N LYS A 242 0.97 0.58 13.61
CA LYS A 242 0.24 -0.67 13.35
C LYS A 242 -0.53 -1.07 14.61
N GLN A 243 0.01 -0.73 15.78
CA GLN A 243 -0.64 -1.06 17.03
C GLN A 243 -1.81 -0.12 17.30
N ARG A 244 -1.71 1.13 16.82
CA ARG A 244 -2.78 2.13 16.99
C ARG A 244 -3.96 1.83 16.06
N PHE A 245 -3.68 1.14 14.94
CA PHE A 245 -4.69 0.74 13.93
C PHE A 245 -4.62 -0.79 13.91
N PRO A 246 -5.12 -1.46 14.99
CA PRO A 246 -5.14 -2.91 15.18
C PRO A 246 -5.72 -3.70 14.03
N GLY A 247 -4.92 -4.64 13.53
CA GLY A 247 -5.32 -5.49 12.43
C GLY A 247 -5.44 -4.85 11.07
N MET A 248 -5.07 -3.58 10.94
CA MET A 248 -5.16 -2.91 9.66
C MET A 248 -3.84 -2.99 8.90
N THR A 249 -3.94 -3.27 7.60
CA THR A 249 -2.78 -3.36 6.75
C THR A 249 -2.27 -1.94 6.47
N PRO A 250 -1.03 -1.81 5.97
CA PRO A 250 -0.47 -0.50 5.66
C PRO A 250 -1.38 0.30 4.69
N ALA A 251 -2.04 -0.41 3.77
CA ALA A 251 -2.95 0.21 2.80
C ALA A 251 -4.19 0.78 3.49
N GLN A 252 -4.74 0.03 4.45
CA GLN A 252 -5.92 0.48 5.20
C GLN A 252 -5.58 1.71 6.06
N ILE A 253 -4.38 1.72 6.64
CA ILE A 253 -3.90 2.82 7.49
C ILE A 253 -3.71 4.08 6.65
N ARG A 254 -3.13 3.91 5.46
CA ARG A 254 -2.88 5.00 4.52
C ARG A 254 -4.23 5.66 4.09
N ARG A 255 -5.22 4.83 3.80
CA ARG A 255 -6.54 5.34 3.41
C ARG A 255 -7.16 6.12 4.57
N TYR A 256 -7.08 5.55 5.76
CA TYR A 256 -7.65 6.21 6.93
C TYR A 256 -7.00 7.59 7.16
N ALA A 257 -5.67 7.62 7.12
CA ALA A 257 -4.90 8.85 7.34
C ALA A 257 -5.16 10.00 6.37
N GLU A 258 -5.68 9.70 5.18
CA GLU A 258 -5.98 10.74 4.18
C GLU A 258 -6.90 11.83 4.70
N ARG A 259 -7.67 11.53 5.74
CA ARG A 259 -8.59 12.51 6.34
C ARG A 259 -7.82 13.65 7.02
N TRP A 260 -6.53 13.42 7.30
CA TRP A 260 -5.70 14.43 7.95
C TRP A 260 -4.89 15.34 7.02
N LYS A 261 -4.98 15.08 5.71
CA LYS A 261 -4.31 15.89 4.69
C LYS A 261 -4.81 17.34 4.88
N PRO A 262 -3.93 18.36 4.70
CA PRO A 262 -2.52 18.32 4.32
C PRO A 262 -1.55 18.32 5.52
N TRP A 263 -2.01 17.88 6.69
CA TRP A 263 -1.19 17.85 7.90
C TRP A 263 -0.96 16.45 8.47
N ARG A 264 -0.78 15.47 7.60
CA ARG A 264 -0.57 14.10 8.06
C ARG A 264 0.62 13.89 9.01
N SER A 265 1.67 14.71 8.86
CA SER A 265 2.84 14.58 9.75
C SER A 265 2.47 14.95 11.19
N TYR A 266 1.66 16.00 11.35
CA TYR A 266 1.24 16.41 12.70
C TYR A 266 0.31 15.33 13.28
N ALA A 267 -0.55 14.79 12.42
CA ALA A 267 -1.49 13.73 12.80
C ALA A 267 -0.72 12.48 13.28
N LEU A 268 0.38 12.15 12.60
CA LEU A 268 1.19 11.01 12.96
C LEU A 268 1.70 11.15 14.39
N LEU A 269 2.26 12.33 14.71
CA LEU A 269 2.81 12.60 16.03
C LEU A 269 1.77 12.50 17.12
N HIS A 270 0.60 13.08 16.90
CA HIS A 270 -0.48 13.01 17.87
C HIS A 270 -0.93 11.56 18.14
N ILE A 271 -1.04 10.76 17.09
CA ILE A 271 -1.44 9.35 17.26
C ILE A 271 -0.37 8.58 18.02
N TRP A 272 0.90 8.82 17.68
CA TRP A 272 2.01 8.17 18.35
C TRP A 272 1.93 8.48 19.86
N TYR A 273 1.57 9.73 20.15
CA TYR A 273 1.47 10.20 21.52
C TYR A 273 0.11 10.27 22.17
N THR A 274 -0.82 9.46 21.68
CA THR A 274 -2.17 9.40 22.26
C THR A 274 -2.32 7.92 22.60
N GLU A 275 -1.94 7.58 23.83
CA GLU A 275 -1.97 6.23 24.38
C GLU A 275 -3.22 5.41 24.05
N GLY A 276 -4.38 5.96 24.38
CA GLY A 276 -5.63 5.27 24.12
C GLY A 276 -6.33 5.57 22.79
N TRP A 277 -5.59 6.05 21.80
CA TRP A 277 -6.18 6.35 20.51
C TRP A 277 -6.59 5.07 19.79
N GLN A 278 -7.67 5.18 19.02
CA GLN A 278 -8.19 4.08 18.25
C GLN A 278 -9.01 4.70 17.14
N PRO A 279 -9.04 4.07 15.96
CA PRO A 279 -9.81 4.62 14.84
C PRO A 279 -11.35 4.63 14.97
N ASP A 280 -11.96 5.58 14.26
CA ASP A 280 -13.43 5.75 14.21
C ASP A 280 -13.99 4.60 13.39
N GLU A 281 -15.24 4.27 13.66
CA GLU A 281 -15.91 3.20 12.92
C GLU A 281 -16.80 3.83 11.87
N ALA A 282 -16.67 3.34 10.65
CA ALA A 282 -17.42 3.83 9.49
C ALA A 282 -18.94 3.66 9.59
N MET B 1 -3.37 6.70 -3.83
CA MET B 1 -4.76 6.28 -3.47
C MET B 1 -5.76 6.96 -4.43
N TYR B 2 -6.61 6.12 -5.02
CA TYR B 2 -7.62 6.53 -5.96
C TYR B 2 -8.97 6.17 -5.40
N THR B 3 -10.02 6.81 -5.91
CA THR B 3 -11.36 6.53 -5.44
C THR B 3 -12.32 6.38 -6.61
N LEU B 4 -13.15 5.36 -6.51
CA LEU B 4 -14.13 5.08 -7.56
C LEU B 4 -15.49 4.99 -6.88
N ASN B 5 -16.51 5.49 -7.55
CA ASN B 5 -17.88 5.48 -7.02
C ASN B 5 -18.72 4.29 -7.47
N TRP B 6 -19.72 3.94 -6.64
CA TRP B 6 -20.67 2.87 -6.90
C TRP B 6 -22.03 3.40 -6.43
N GLN B 7 -23.10 2.86 -7.01
CA GLN B 7 -24.47 3.24 -6.68
C GLN B 7 -25.08 2.21 -5.72
N PRO B 8 -25.49 2.65 -4.50
CA PRO B 8 -26.09 1.73 -3.51
C PRO B 8 -27.41 1.14 -4.06
N PRO B 9 -27.76 -0.08 -3.64
CA PRO B 9 -27.00 -0.92 -2.70
C PRO B 9 -25.92 -1.76 -3.37
N TYR B 10 -24.93 -2.13 -2.57
CA TYR B 10 -23.83 -2.96 -3.02
C TYR B 10 -23.57 -3.92 -1.87
N ASP B 11 -23.74 -5.20 -2.12
CA ASP B 11 -23.53 -6.20 -1.08
C ASP B 11 -22.05 -6.59 -1.06
N TRP B 12 -21.27 -5.85 -0.28
CA TRP B 12 -19.84 -6.10 -0.16
C TRP B 12 -19.47 -7.38 0.53
N SER B 13 -20.23 -7.77 1.55
CA SER B 13 -19.91 -9.00 2.25
C SER B 13 -20.12 -10.21 1.31
N TRP B 14 -21.14 -10.14 0.45
CA TRP B 14 -21.44 -11.21 -0.50
C TRP B 14 -20.34 -11.26 -1.57
N MET B 15 -20.01 -10.10 -2.13
CA MET B 15 -18.97 -9.99 -3.16
C MET B 15 -17.63 -10.51 -2.62
N LEU B 16 -17.24 -10.04 -1.43
CA LEU B 16 -16.00 -10.49 -0.85
C LEU B 16 -16.09 -11.96 -0.53
N GLY B 17 -17.27 -12.42 -0.13
CA GLY B 17 -17.47 -13.83 0.17
C GLY B 17 -17.27 -14.67 -1.08
N PHE B 18 -17.82 -14.18 -2.19
CA PHE B 18 -17.73 -14.83 -3.49
C PHE B 18 -16.25 -14.95 -3.89
N LEU B 19 -15.53 -13.84 -3.86
CA LEU B 19 -14.10 -13.84 -4.22
C LEU B 19 -13.21 -14.64 -3.26
N ALA B 20 -13.57 -14.68 -1.98
CA ALA B 20 -12.80 -15.41 -0.98
C ALA B 20 -12.83 -16.92 -1.25
N ALA B 21 -13.99 -17.43 -1.66
CA ALA B 21 -14.14 -18.85 -1.94
C ALA B 21 -13.24 -19.26 -3.11
N ARG B 22 -13.14 -18.36 -4.09
CA ARG B 22 -12.36 -18.57 -5.31
C ARG B 22 -10.92 -18.04 -5.27
N ALA B 23 -10.54 -17.41 -4.16
CA ALA B 23 -9.21 -16.84 -3.99
C ALA B 23 -8.10 -17.84 -4.22
N VAL B 24 -7.19 -17.46 -5.12
CA VAL B 24 -6.04 -18.30 -5.43
C VAL B 24 -4.91 -17.94 -4.47
N SER B 25 -4.45 -18.92 -3.68
CA SER B 25 -3.36 -18.68 -2.73
C SER B 25 -2.10 -18.19 -3.44
N SER B 26 -1.46 -17.19 -2.81
CA SER B 26 -0.23 -16.53 -3.28
C SER B 26 -0.53 -15.43 -4.31
N VAL B 27 -1.75 -15.42 -4.83
CA VAL B 27 -2.14 -14.42 -5.82
C VAL B 27 -3.11 -13.40 -5.24
N GLU B 28 -4.15 -13.89 -4.56
CA GLU B 28 -5.17 -13.05 -3.97
C GLU B 28 -5.25 -13.18 -2.46
N THR B 29 -5.75 -12.10 -1.84
CA THR B 29 -5.94 -12.02 -0.40
C THR B 29 -7.32 -11.37 -0.22
N VAL B 30 -8.23 -12.07 0.45
CA VAL B 30 -9.56 -11.52 0.66
C VAL B 30 -9.85 -11.47 2.14
N ALA B 31 -10.34 -10.32 2.59
CA ALA B 31 -10.68 -10.11 3.99
C ALA B 31 -12.05 -9.46 4.08
N ASP B 32 -12.53 -9.28 5.31
CA ASP B 32 -13.83 -8.66 5.55
C ASP B 32 -13.89 -7.23 5.05
N SER B 33 -12.79 -6.50 5.17
CA SER B 33 -12.76 -5.09 4.77
C SER B 33 -12.01 -4.72 3.48
N TYR B 34 -11.30 -5.67 2.89
CA TYR B 34 -10.57 -5.36 1.67
C TYR B 34 -10.31 -6.59 0.81
N TYR B 35 -9.88 -6.32 -0.42
CA TYR B 35 -9.54 -7.32 -1.40
C TYR B 35 -8.20 -6.84 -1.95
N ALA B 36 -7.24 -7.75 -2.06
CA ALA B 36 -5.92 -7.40 -2.59
C ALA B 36 -5.37 -8.54 -3.41
N ARG B 37 -4.53 -8.21 -4.39
CA ARG B 37 -3.93 -9.24 -5.23
C ARG B 37 -2.78 -8.69 -6.04
N SER B 38 -1.94 -9.61 -6.53
CA SER B 38 -0.82 -9.27 -7.36
C SER B 38 -1.41 -8.89 -8.72
N LEU B 39 -0.71 -8.04 -9.46
CA LEU B 39 -1.21 -7.62 -10.75
C LEU B 39 -0.06 -7.27 -11.65
N ALA B 40 -0.17 -7.65 -12.91
CA ALA B 40 0.87 -7.34 -13.87
C ALA B 40 0.18 -6.72 -15.07
N VAL B 41 0.67 -5.56 -15.49
CA VAL B 41 0.13 -4.86 -16.64
C VAL B 41 1.35 -4.63 -17.52
N GLY B 42 1.54 -5.50 -18.51
CA GLY B 42 2.69 -5.41 -19.38
C GLY B 42 3.87 -5.75 -18.50
N GLU B 43 4.87 -4.87 -18.45
CA GLU B 43 6.05 -5.11 -17.62
C GLU B 43 5.94 -4.53 -16.21
N TYR B 44 4.82 -3.86 -15.94
CA TYR B 44 4.57 -3.26 -14.61
C TYR B 44 3.91 -4.28 -13.71
N ARG B 45 4.46 -4.43 -12.51
CA ARG B 45 3.96 -5.41 -11.52
C ARG B 45 3.87 -4.84 -10.11
N GLY B 46 2.93 -5.36 -9.34
CA GLY B 46 2.74 -4.92 -7.98
C GLY B 46 1.49 -5.51 -7.37
N VAL B 47 1.06 -4.91 -6.28
CA VAL B 47 -0.15 -5.34 -5.55
C VAL B 47 -1.20 -4.23 -5.59
N VAL B 48 -2.45 -4.62 -5.87
CA VAL B 48 -3.55 -3.67 -5.90
C VAL B 48 -4.40 -4.04 -4.69
N THR B 49 -4.90 -3.02 -3.99
CA THR B 49 -5.73 -3.19 -2.81
C THR B 49 -7.01 -2.37 -2.98
N ALA B 50 -8.15 -3.01 -2.77
CA ALA B 50 -9.46 -2.36 -2.92
C ALA B 50 -10.09 -2.33 -1.53
N ILE B 51 -10.38 -1.13 -1.06
CA ILE B 51 -10.96 -0.95 0.27
C ILE B 51 -12.27 -0.18 0.13
N PRO B 52 -13.41 -0.88 0.29
CA PRO B 52 -14.70 -0.21 0.18
C PRO B 52 -15.06 0.68 1.39
N ASP B 53 -15.70 1.80 1.10
CA ASP B 53 -16.15 2.76 2.10
C ASP B 53 -17.67 2.79 1.88
N ILE B 54 -18.34 1.90 2.62
CA ILE B 54 -19.78 1.72 2.55
C ILE B 54 -20.67 2.97 2.66
N ALA B 55 -20.47 3.78 3.70
CA ALA B 55 -21.28 4.98 3.89
C ALA B 55 -21.16 5.99 2.75
N ARG B 56 -19.95 6.23 2.28
CA ARG B 56 -19.72 7.18 1.18
C ARG B 56 -19.81 6.52 -0.20
N HIS B 57 -20.18 5.23 -0.23
CA HIS B 57 -20.29 4.43 -1.47
C HIS B 57 -19.16 4.68 -2.46
N THR B 58 -17.94 4.55 -1.96
CA THR B 58 -16.74 4.76 -2.76
C THR B 58 -15.76 3.63 -2.54
N LEU B 59 -15.12 3.18 -3.59
CA LEU B 59 -14.12 2.12 -3.49
C LEU B 59 -12.75 2.78 -3.60
N HIS B 60 -11.93 2.63 -2.56
CA HIS B 60 -10.58 3.20 -2.57
C HIS B 60 -9.60 2.17 -3.09
N ILE B 61 -8.77 2.60 -4.02
CA ILE B 61 -7.78 1.73 -4.62
C ILE B 61 -6.37 2.18 -4.25
N ASN B 62 -5.58 1.24 -3.73
CA ASN B 62 -4.20 1.50 -3.37
C ASN B 62 -3.35 0.65 -4.31
N LEU B 63 -2.28 1.24 -4.82
CA LEU B 63 -1.36 0.55 -5.71
C LEU B 63 0.04 0.64 -5.14
N SER B 64 0.81 -0.44 -5.29
CA SER B 64 2.19 -0.46 -4.83
C SER B 64 2.91 0.37 -5.93
N ALA B 65 4.10 0.87 -5.61
CA ALA B 65 4.88 1.70 -6.53
C ALA B 65 5.04 1.19 -7.96
N GLY B 66 5.28 -0.12 -8.11
CA GLY B 66 5.47 -0.71 -9.43
C GLY B 66 4.32 -0.61 -10.43
N LEU B 67 3.12 -0.37 -9.92
CA LEU B 67 1.90 -0.25 -10.73
C LEU B 67 1.45 1.18 -10.98
N GLU B 68 2.06 2.15 -10.30
CA GLU B 68 1.69 3.54 -10.48
C GLU B 68 1.74 4.07 -11.93
N PRO B 69 2.76 3.67 -12.73
CA PRO B 69 2.83 4.14 -14.13
C PRO B 69 1.60 3.72 -14.94
N VAL B 70 0.94 2.64 -14.51
CA VAL B 70 -0.27 2.15 -15.19
C VAL B 70 -1.49 2.18 -14.26
N ALA B 71 -1.52 3.17 -13.37
CA ALA B 71 -2.61 3.34 -12.40
C ALA B 71 -4.02 3.26 -12.98
N ALA B 72 -4.29 4.06 -14.00
CA ALA B 72 -5.61 4.10 -14.63
C ALA B 72 -6.08 2.74 -15.14
N GLU B 73 -5.19 1.93 -15.70
CA GLU B 73 -5.57 0.60 -16.18
C GLU B 73 -5.88 -0.32 -14.97
N CYS B 74 -5.13 -0.15 -13.87
CA CYS B 74 -5.38 -0.95 -12.68
C CYS B 74 -6.78 -0.57 -12.16
N LEU B 75 -7.12 0.72 -12.23
CA LEU B 75 -8.43 1.18 -11.79
C LEU B 75 -9.53 0.57 -12.66
N ALA B 76 -9.31 0.56 -13.98
CA ALA B 76 -10.30 -0.01 -14.91
C ALA B 76 -10.52 -1.51 -14.61
N LYS B 77 -9.43 -2.25 -14.39
CA LYS B 77 -9.51 -3.68 -14.08
C LYS B 77 -10.28 -3.88 -12.77
N MET B 78 -10.07 -2.99 -11.79
CA MET B 78 -10.78 -3.07 -10.50
C MET B 78 -12.28 -2.80 -10.70
N SER B 79 -12.63 -1.86 -11.56
CA SER B 79 -14.03 -1.53 -11.83
C SER B 79 -14.75 -2.69 -12.51
N ARG B 80 -14.02 -3.44 -13.35
CA ARG B 80 -14.61 -4.58 -14.05
C ARG B 80 -14.79 -5.76 -13.09
N LEU B 81 -13.83 -5.94 -12.19
CA LEU B 81 -13.90 -7.02 -11.19
C LEU B 81 -15.08 -6.79 -10.22
N PHE B 82 -15.30 -5.53 -9.85
CA PHE B 82 -16.34 -5.18 -8.91
C PHE B 82 -17.66 -4.68 -9.44
N ASP B 83 -17.81 -4.68 -10.77
CA ASP B 83 -19.04 -4.27 -11.43
C ASP B 83 -19.53 -2.92 -10.91
N LEU B 84 -18.62 -1.95 -10.86
CA LEU B 84 -18.97 -0.62 -10.36
C LEU B 84 -20.03 0.12 -11.17
N GLN B 85 -20.15 -0.21 -12.44
CA GLN B 85 -21.12 0.43 -13.34
C GLN B 85 -22.60 0.10 -13.04
N CYS B 86 -22.83 -1.04 -12.43
CA CYS B 86 -24.17 -1.49 -12.14
C CYS B 86 -25.16 -0.51 -11.54
N ASN B 87 -26.31 -0.40 -12.17
CA ASN B 87 -27.39 0.46 -11.69
C ASN B 87 -28.33 -0.63 -11.12
N PRO B 88 -28.26 -0.87 -9.80
CA PRO B 88 -29.11 -1.89 -9.18
C PRO B 88 -30.63 -1.70 -9.27
N GLN B 89 -31.08 -0.45 -9.38
CA GLN B 89 -32.51 -0.13 -9.49
C GLN B 89 -33.08 -0.74 -10.76
N ILE B 90 -32.35 -0.58 -11.85
CA ILE B 90 -32.76 -1.10 -13.16
C ILE B 90 -32.76 -2.63 -13.18
N VAL B 91 -31.68 -3.26 -12.69
CA VAL B 91 -31.60 -4.72 -12.67
C VAL B 91 -32.72 -5.31 -11.80
N ASN B 92 -32.79 -4.85 -10.55
CA ASN B 92 -33.80 -5.33 -9.61
C ASN B 92 -35.22 -5.06 -10.08
N GLY B 93 -35.43 -3.93 -10.75
CA GLY B 93 -36.74 -3.61 -11.26
C GLY B 93 -37.19 -4.66 -12.28
N ALA B 94 -36.25 -5.10 -13.11
CA ALA B 94 -36.49 -6.11 -14.15
C ALA B 94 -36.63 -7.53 -13.60
N LEU B 95 -35.80 -7.88 -12.61
CA LEU B 95 -35.83 -9.21 -12.02
C LEU B 95 -36.96 -9.45 -11.01
N GLY B 96 -37.53 -8.35 -10.49
CA GLY B 96 -38.62 -8.44 -9.52
C GLY B 96 -38.24 -9.15 -8.25
N ARG B 97 -39.08 -10.11 -7.84
CA ARG B 97 -38.85 -10.87 -6.61
C ARG B 97 -37.61 -11.76 -6.57
N LEU B 98 -37.05 -12.07 -7.74
CA LEU B 98 -35.85 -12.92 -7.83
C LEU B 98 -34.64 -12.27 -7.13
N GLY B 99 -34.52 -10.96 -7.24
CA GLY B 99 -33.40 -10.27 -6.62
C GLY B 99 -33.67 -9.53 -5.33
N ALA B 100 -34.92 -9.53 -4.87
CA ALA B 100 -35.32 -8.84 -3.65
C ALA B 100 -34.62 -9.24 -2.35
N ALA B 101 -34.11 -10.47 -2.28
CA ALA B 101 -33.39 -10.97 -1.10
C ALA B 101 -31.96 -10.44 -0.99
N ARG B 102 -31.32 -10.17 -2.13
CA ARG B 102 -29.95 -9.64 -2.16
C ARG B 102 -29.90 -8.57 -3.25
N PRO B 103 -30.63 -7.45 -3.05
CA PRO B 103 -30.63 -6.38 -4.05
C PRO B 103 -29.26 -5.73 -4.33
N GLY B 104 -28.28 -5.97 -3.46
CA GLY B 104 -26.95 -5.41 -3.64
C GLY B 104 -25.99 -6.36 -4.37
N LEU B 105 -26.53 -7.43 -4.93
CA LEU B 105 -25.71 -8.40 -5.65
C LEU B 105 -25.12 -7.77 -6.91
N ARG B 106 -23.85 -8.11 -7.21
CA ARG B 106 -23.13 -7.61 -8.38
C ARG B 106 -22.49 -8.76 -9.14
N LEU B 107 -22.07 -8.46 -10.37
CA LEU B 107 -21.42 -9.47 -11.20
C LEU B 107 -19.91 -9.44 -10.93
N PRO B 108 -19.36 -10.51 -10.32
CA PRO B 108 -17.93 -10.57 -10.03
C PRO B 108 -17.21 -10.78 -11.36
N GLY B 109 -16.44 -9.78 -11.78
CA GLY B 109 -15.71 -9.90 -13.04
C GLY B 109 -14.33 -10.50 -12.87
N CYS B 110 -13.35 -9.85 -13.49
CA CYS B 110 -11.98 -10.31 -13.40
C CYS B 110 -11.07 -9.13 -13.65
N VAL B 111 -9.78 -9.33 -13.39
CA VAL B 111 -8.80 -8.27 -13.62
C VAL B 111 -8.07 -8.48 -14.94
N ASP B 112 -8.25 -9.65 -15.56
CA ASP B 112 -7.60 -9.97 -16.83
C ASP B 112 -8.32 -11.12 -17.51
N ALA B 113 -8.71 -10.90 -18.76
CA ALA B 113 -9.44 -11.91 -19.54
C ALA B 113 -8.68 -13.20 -19.77
N PHE B 114 -7.36 -13.13 -19.96
CA PHE B 114 -6.60 -14.34 -20.19
C PHE B 114 -6.67 -15.20 -18.91
N GLU B 115 -6.39 -14.57 -17.76
CA GLU B 115 -6.42 -15.24 -16.48
C GLU B 115 -7.80 -15.88 -16.24
N GLN B 116 -8.87 -15.12 -16.53
CA GLN B 116 -10.22 -15.62 -16.35
C GLN B 116 -10.52 -16.79 -17.32
N GLY B 117 -9.88 -16.80 -18.49
CA GLY B 117 -10.08 -17.88 -19.44
C GLY B 117 -9.45 -19.15 -18.85
N VAL B 118 -8.28 -18.98 -18.25
CA VAL B 118 -7.56 -20.09 -17.61
C VAL B 118 -8.42 -20.61 -16.46
N ARG B 119 -8.96 -19.69 -15.66
CA ARG B 119 -9.80 -20.04 -14.53
C ARG B 119 -11.07 -20.77 -14.99
N ALA B 120 -11.66 -20.30 -16.08
CA ALA B 120 -12.87 -20.88 -16.64
C ALA B 120 -12.62 -22.35 -17.05
N ILE B 121 -11.50 -22.61 -17.72
CA ILE B 121 -11.14 -23.96 -18.15
C ILE B 121 -10.93 -24.84 -16.91
N LEU B 122 -10.17 -24.34 -15.94
CA LEU B 122 -9.90 -25.09 -14.71
C LEU B 122 -11.12 -25.29 -13.82
N GLY B 123 -12.10 -24.40 -13.95
CA GLY B 123 -13.29 -24.50 -13.14
C GLY B 123 -14.33 -25.50 -13.63
N GLN B 124 -14.06 -26.14 -14.76
CA GLN B 124 -15.04 -27.11 -15.27
C GLN B 124 -14.96 -28.49 -14.63
N LEU B 125 -16.15 -29.04 -14.38
CA LEU B 125 -16.39 -30.36 -13.79
C LEU B 125 -15.82 -30.56 -12.38
N VAL B 126 -15.37 -29.47 -11.76
CA VAL B 126 -14.80 -29.49 -10.41
C VAL B 126 -15.46 -28.43 -9.52
N SER B 127 -15.32 -28.60 -8.21
CA SER B 127 -15.86 -27.68 -7.21
C SER B 127 -14.99 -26.41 -7.15
N VAL B 128 -15.54 -25.36 -6.54
CA VAL B 128 -14.85 -24.08 -6.38
C VAL B 128 -13.52 -24.24 -5.62
N ALA B 129 -13.58 -24.97 -4.50
CA ALA B 129 -12.40 -25.22 -3.66
C ALA B 129 -11.30 -25.96 -4.43
N MET B 130 -11.66 -27.01 -5.17
CA MET B 130 -10.67 -27.77 -5.93
C MET B 130 -10.11 -26.98 -7.10
N ALA B 131 -10.96 -26.23 -7.80
CA ALA B 131 -10.51 -25.40 -8.92
C ALA B 131 -9.51 -24.33 -8.42
N ALA B 132 -9.77 -23.76 -7.23
CA ALA B 132 -8.89 -22.74 -6.65
C ALA B 132 -7.54 -23.36 -6.26
N LYS B 133 -7.58 -24.60 -5.76
CA LYS B 133 -6.36 -25.31 -5.35
C LYS B 133 -5.53 -25.63 -6.59
N LEU B 134 -6.19 -26.13 -7.63
CA LEU B 134 -5.55 -26.48 -8.90
C LEU B 134 -4.93 -25.23 -9.53
N THR B 135 -5.69 -24.14 -9.58
CA THR B 135 -5.24 -22.87 -10.15
C THR B 135 -4.03 -22.34 -9.36
N ALA B 136 -4.02 -22.57 -8.04
CA ALA B 136 -2.89 -22.13 -7.19
C ALA B 136 -1.62 -22.87 -7.56
N ARG B 137 -1.77 -24.15 -7.92
CA ARG B 137 -0.64 -25.00 -8.32
C ARG B 137 -0.06 -24.52 -9.63
N VAL B 138 -0.94 -24.15 -10.56
CA VAL B 138 -0.52 -23.65 -11.84
C VAL B 138 0.23 -22.32 -11.66
N ALA B 139 -0.28 -21.45 -10.76
CA ALA B 139 0.34 -20.15 -10.48
C ALA B 139 1.68 -20.33 -9.76
N GLN B 140 1.76 -21.30 -8.85
CA GLN B 140 2.97 -21.58 -8.10
C GLN B 140 4.12 -22.01 -9.02
N LEU B 141 3.79 -22.80 -10.04
CA LEU B 141 4.79 -23.29 -10.98
C LEU B 141 5.14 -22.36 -12.15
N TYR B 142 4.13 -21.71 -12.75
CA TYR B 142 4.35 -20.82 -13.89
C TYR B 142 4.30 -19.31 -13.65
N GLY B 143 3.90 -18.90 -12.45
CA GLY B 143 3.82 -17.47 -12.15
C GLY B 143 5.10 -16.91 -11.57
N GLU B 144 5.25 -15.59 -11.58
CA GLU B 144 6.46 -14.99 -11.02
C GLU B 144 6.22 -14.19 -9.76
N ARG B 145 7.07 -14.43 -8.76
CA ARG B 145 6.98 -13.73 -7.49
C ARG B 145 7.35 -12.25 -7.63
N LEU B 146 6.71 -11.41 -6.84
CA LEU B 146 7.01 -9.99 -6.87
C LEU B 146 8.26 -9.85 -6.01
N ASP B 147 9.21 -9.04 -6.45
CA ASP B 147 10.46 -8.83 -5.70
C ASP B 147 10.25 -7.98 -4.46
N ASP B 148 9.40 -6.96 -4.59
CA ASP B 148 9.08 -6.05 -3.50
C ASP B 148 8.08 -6.59 -2.47
N PHE B 149 7.26 -7.55 -2.89
CA PHE B 149 6.27 -8.17 -2.01
C PHE B 149 6.32 -9.66 -2.35
N PRO B 150 7.40 -10.34 -1.90
CA PRO B 150 7.64 -11.77 -2.12
C PRO B 150 6.57 -12.78 -1.70
N GLU B 151 5.63 -12.37 -0.86
CA GLU B 151 4.57 -13.27 -0.41
C GLU B 151 3.55 -13.47 -1.56
N TYR B 152 3.62 -12.58 -2.56
CA TYR B 152 2.74 -12.60 -3.73
C TYR B 152 3.40 -13.11 -5.00
N ILE B 153 2.63 -13.84 -5.79
CA ILE B 153 3.07 -14.40 -7.07
C ILE B 153 2.06 -13.86 -8.09
N CYS B 154 2.54 -13.45 -9.26
CA CYS B 154 1.65 -12.96 -10.30
C CYS B 154 1.10 -14.15 -11.04
N PHE B 155 -0.12 -14.02 -11.53
CA PHE B 155 -0.76 -15.11 -12.28
C PHE B 155 0.13 -15.37 -13.51
N PRO B 156 0.25 -16.64 -13.95
CA PRO B 156 1.08 -16.96 -15.11
C PRO B 156 0.79 -16.12 -16.37
N THR B 157 1.86 -15.70 -17.04
CA THR B 157 1.74 -14.90 -18.28
C THR B 157 1.38 -15.86 -19.41
N PRO B 158 0.75 -15.36 -20.49
CA PRO B 158 0.39 -16.28 -21.58
C PRO B 158 1.66 -16.86 -22.24
N GLN B 159 2.80 -16.18 -22.09
CA GLN B 159 4.07 -16.65 -22.65
C GLN B 159 4.54 -17.92 -21.92
N ARG B 160 4.40 -17.92 -20.58
CA ARG B 160 4.77 -19.07 -19.76
C ARG B 160 3.87 -20.28 -19.99
N LEU B 161 2.56 -20.06 -20.05
CA LEU B 161 1.63 -21.16 -20.27
C LEU B 161 1.62 -21.69 -21.69
N ALA B 162 1.94 -20.82 -22.65
CA ALA B 162 2.00 -21.23 -24.07
C ALA B 162 3.19 -22.17 -24.29
N ALA B 163 4.23 -22.00 -23.48
CA ALA B 163 5.45 -22.79 -23.57
C ALA B 163 5.43 -24.03 -22.70
N ALA B 164 4.38 -24.15 -21.88
CA ALA B 164 4.24 -25.28 -20.97
C ALA B 164 4.03 -26.65 -21.59
N ASP B 165 4.58 -27.66 -20.91
CA ASP B 165 4.46 -29.06 -21.34
C ASP B 165 3.04 -29.51 -20.95
N PRO B 166 2.23 -29.99 -21.92
CA PRO B 166 0.87 -30.46 -21.63
C PRO B 166 0.90 -31.51 -20.50
N GLN B 167 1.95 -32.32 -20.50
CA GLN B 167 2.12 -33.36 -19.48
C GLN B 167 2.35 -32.82 -18.07
N ALA B 168 3.01 -31.67 -17.99
CA ALA B 168 3.29 -31.01 -16.71
C ALA B 168 1.97 -30.50 -16.14
N LEU B 169 1.21 -29.75 -16.95
CA LEU B 169 -0.08 -29.20 -16.52
C LEU B 169 -1.01 -30.35 -16.14
N LYS B 170 -1.06 -31.40 -16.96
CA LYS B 170 -1.90 -32.57 -16.68
C LYS B 170 -1.56 -33.18 -15.30
N ALA B 171 -0.27 -33.30 -15.03
CA ALA B 171 0.23 -33.86 -13.78
C ALA B 171 -0.13 -33.06 -12.53
N LEU B 172 -0.45 -31.78 -12.70
CA LEU B 172 -0.83 -30.94 -11.57
C LEU B 172 -2.28 -31.25 -11.12
N GLY B 173 -3.02 -31.98 -11.94
CA GLY B 173 -4.38 -32.35 -11.59
C GLY B 173 -5.51 -32.03 -12.56
N MET B 174 -5.32 -32.26 -13.85
CA MET B 174 -6.35 -32.00 -14.88
C MET B 174 -6.15 -32.97 -16.04
N PRO B 175 -7.21 -33.21 -16.84
CA PRO B 175 -7.11 -34.11 -17.99
C PRO B 175 -6.23 -33.45 -19.06
N LEU B 176 -5.55 -34.25 -19.88
CA LEU B 176 -4.69 -33.76 -20.94
C LEU B 176 -5.41 -32.72 -21.81
N LYS B 177 -6.67 -32.97 -22.12
CA LYS B 177 -7.49 -32.08 -22.93
C LYS B 177 -7.57 -30.66 -22.31
N ARG B 178 -7.63 -30.55 -20.98
CA ARG B 178 -7.69 -29.24 -20.33
C ARG B 178 -6.35 -28.54 -20.40
N ALA B 179 -5.27 -29.30 -20.24
CA ALA B 179 -3.92 -28.74 -20.31
C ALA B 179 -3.75 -28.18 -21.70
N GLU B 180 -4.12 -28.97 -22.70
CA GLU B 180 -4.03 -28.56 -24.10
C GLU B 180 -4.89 -27.32 -24.38
N ALA B 181 -6.04 -27.22 -23.68
CA ALA B 181 -6.92 -26.08 -23.84
C ALA B 181 -6.27 -24.82 -23.26
N LEU B 182 -5.58 -24.94 -22.12
CA LEU B 182 -4.90 -23.79 -21.48
C LEU B 182 -3.80 -23.25 -22.37
N ILE B 183 -3.04 -24.17 -22.96
CA ILE B 183 -1.95 -23.82 -23.85
C ILE B 183 -2.52 -23.12 -25.10
N HIS B 184 -3.61 -23.64 -25.65
CA HIS B 184 -4.24 -23.05 -26.82
C HIS B 184 -4.75 -21.64 -26.49
N LEU B 185 -5.34 -21.49 -25.30
CA LEU B 185 -5.86 -20.20 -24.84
C LEU B 185 -4.72 -19.20 -24.65
N ALA B 186 -3.56 -19.70 -24.21
CA ALA B 186 -2.36 -18.89 -23.99
C ALA B 186 -1.88 -18.32 -25.33
N ASN B 187 -1.83 -19.16 -26.36
CA ASN B 187 -1.39 -18.73 -27.69
C ASN B 187 -2.34 -17.71 -28.27
N ALA B 188 -3.64 -17.86 -27.98
CA ALA B 188 -4.66 -16.94 -28.47
C ALA B 188 -4.44 -15.56 -27.88
N ALA B 189 -4.14 -15.50 -26.58
CA ALA B 189 -3.89 -14.22 -25.91
C ALA B 189 -2.66 -13.55 -26.49
N LEU B 190 -1.66 -14.35 -26.89
CA LEU B 190 -0.42 -13.83 -27.49
C LEU B 190 -0.68 -13.20 -28.87
N GLU B 191 -1.46 -13.86 -29.71
CA GLU B 191 -1.72 -13.27 -31.03
C GLU B 191 -2.96 -12.40 -31.13
N GLY B 192 -3.53 -12.11 -29.98
CA GLY B 192 -4.71 -11.26 -29.90
C GLY B 192 -6.06 -11.79 -30.37
N THR B 193 -6.18 -13.11 -30.55
CA THR B 193 -7.46 -13.66 -30.99
C THR B 193 -8.44 -13.88 -29.84
N LEU B 194 -7.97 -13.78 -28.60
CA LEU B 194 -8.86 -13.96 -27.45
C LEU B 194 -9.36 -12.57 -27.06
N PRO B 195 -10.67 -12.27 -27.27
CA PRO B 195 -11.20 -10.94 -26.91
C PRO B 195 -10.94 -10.63 -25.43
N MET B 196 -10.15 -9.59 -25.17
CA MET B 196 -9.81 -9.20 -23.81
C MET B 196 -10.84 -8.29 -23.16
N THR B 197 -11.74 -7.79 -23.99
CA THR B 197 -12.80 -6.89 -23.57
C THR B 197 -14.04 -7.46 -24.23
N ILE B 198 -15.21 -7.21 -23.64
CA ILE B 198 -16.46 -7.71 -24.19
C ILE B 198 -16.68 -7.27 -25.63
N PRO B 199 -16.78 -8.24 -26.55
CA PRO B 199 -17.01 -7.90 -27.95
C PRO B 199 -18.43 -7.38 -28.17
N GLY B 200 -18.62 -6.67 -29.28
CA GLY B 200 -19.92 -6.11 -29.61
C GLY B 200 -20.97 -7.17 -29.85
N ASP B 201 -20.54 -8.39 -30.16
CA ASP B 201 -21.47 -9.47 -30.38
C ASP B 201 -21.01 -10.66 -29.55
N VAL B 202 -21.56 -10.77 -28.34
CA VAL B 202 -21.23 -11.85 -27.39
C VAL B 202 -21.47 -13.28 -27.89
N GLU B 203 -22.68 -13.56 -28.40
CA GLU B 203 -23.02 -14.90 -28.91
C GLU B 203 -22.09 -15.37 -30.02
N GLN B 204 -21.74 -14.44 -30.90
CA GLN B 204 -20.84 -14.70 -32.03
C GLN B 204 -19.43 -15.02 -31.52
N ALA B 205 -19.01 -14.30 -30.49
CA ALA B 205 -17.70 -14.52 -29.90
C ALA B 205 -17.64 -15.84 -29.11
N MET B 206 -18.74 -16.22 -28.45
CA MET B 206 -18.75 -17.47 -27.70
C MET B 206 -18.71 -18.64 -28.66
N LYS B 207 -19.40 -18.51 -29.80
CA LYS B 207 -19.42 -19.55 -30.83
C LYS B 207 -17.98 -19.86 -31.24
N THR B 208 -17.22 -18.79 -31.50
CA THR B 208 -15.81 -18.87 -31.89
C THR B 208 -15.01 -19.57 -30.79
N LEU B 209 -15.24 -19.19 -29.53
CA LEU B 209 -14.55 -19.77 -28.38
C LEU B 209 -14.73 -21.27 -28.25
N GLN B 210 -15.95 -21.76 -28.52
CA GLN B 210 -16.26 -23.20 -28.43
C GLN B 210 -15.58 -24.02 -29.53
N THR B 211 -15.09 -23.34 -30.57
CA THR B 211 -14.39 -23.95 -31.70
C THR B 211 -12.93 -24.25 -31.26
N PHE B 212 -12.54 -23.72 -30.09
CA PHE B 212 -11.21 -23.94 -29.52
C PHE B 212 -11.25 -25.33 -28.90
N PRO B 213 -10.13 -26.08 -29.00
CA PRO B 213 -10.09 -27.43 -28.42
C PRO B 213 -10.20 -27.43 -26.90
N GLY B 214 -11.18 -28.16 -26.39
CA GLY B 214 -11.36 -28.23 -24.95
C GLY B 214 -12.22 -27.15 -24.31
N ILE B 215 -12.83 -26.29 -25.13
CA ILE B 215 -13.71 -25.23 -24.60
C ILE B 215 -15.15 -25.60 -24.92
N GLY B 216 -15.83 -26.18 -23.93
CA GLY B 216 -17.21 -26.57 -24.14
C GLY B 216 -18.17 -25.42 -23.94
N ARG B 217 -19.46 -25.72 -23.87
CA ARG B 217 -20.49 -24.71 -23.69
C ARG B 217 -20.42 -23.97 -22.34
N TRP B 218 -20.30 -24.71 -21.23
CA TRP B 218 -20.23 -24.08 -19.92
C TRP B 218 -19.04 -23.12 -19.78
N THR B 219 -17.87 -23.57 -20.24
CA THR B 219 -16.67 -22.75 -20.16
C THR B 219 -16.83 -21.47 -20.97
N ALA B 220 -17.41 -21.58 -22.17
CA ALA B 220 -17.61 -20.39 -23.02
C ALA B 220 -18.54 -19.37 -22.34
N ASN B 221 -19.64 -19.87 -21.76
CA ASN B 221 -20.63 -19.03 -21.08
C ASN B 221 -20.03 -18.40 -19.83
N TYR B 222 -19.42 -19.22 -18.99
CA TYR B 222 -18.81 -18.74 -17.75
C TYR B 222 -17.72 -17.74 -18.04
N PHE B 223 -16.95 -17.96 -19.13
CA PHE B 223 -15.89 -17.02 -19.50
C PHE B 223 -16.53 -15.69 -19.93
N ALA B 224 -17.56 -15.74 -20.79
CA ALA B 224 -18.25 -14.53 -21.24
C ALA B 224 -18.79 -13.74 -20.04
N LEU B 225 -19.43 -14.47 -19.12
CA LEU B 225 -20.00 -13.88 -17.94
C LEU B 225 -18.96 -13.18 -17.06
N ARG B 226 -17.87 -13.86 -16.71
CA ARG B 226 -16.86 -13.24 -15.86
C ARG B 226 -15.71 -12.54 -16.56
N GLY B 227 -15.23 -13.13 -17.64
CA GLY B 227 -14.13 -12.57 -18.42
C GLY B 227 -14.50 -11.33 -19.21
N TRP B 228 -15.74 -11.25 -19.66
CA TRP B 228 -16.20 -10.10 -20.41
C TRP B 228 -17.26 -9.33 -19.65
N GLN B 229 -17.72 -9.90 -18.53
CA GLN B 229 -18.77 -9.29 -17.71
C GLN B 229 -20.03 -9.13 -18.57
N ALA B 230 -20.28 -10.11 -19.43
CA ALA B 230 -21.45 -10.12 -20.31
C ALA B 230 -22.63 -10.25 -19.33
N LYS B 231 -23.61 -9.36 -19.47
CA LYS B 231 -24.77 -9.32 -18.56
C LYS B 231 -25.98 -10.19 -18.85
N ASP B 232 -26.03 -10.78 -20.03
CA ASP B 232 -27.17 -11.62 -20.39
C ASP B 232 -26.81 -13.07 -20.69
N VAL B 233 -26.03 -13.66 -19.78
CA VAL B 233 -25.57 -15.02 -19.90
C VAL B 233 -26.03 -15.95 -18.76
N PHE B 234 -26.70 -17.04 -19.10
CA PHE B 234 -27.13 -17.98 -18.06
C PHE B 234 -26.24 -19.21 -18.18
N LEU B 235 -26.21 -20.05 -17.15
CA LEU B 235 -25.38 -21.26 -17.17
C LEU B 235 -26.24 -22.52 -16.98
N PRO B 236 -26.92 -22.99 -18.05
CA PRO B 236 -27.78 -24.17 -18.06
C PRO B 236 -27.05 -25.46 -17.69
N ASP B 237 -25.78 -25.54 -18.05
CA ASP B 237 -24.96 -26.72 -17.77
C ASP B 237 -24.27 -26.71 -16.41
N ASP B 238 -24.46 -25.64 -15.63
CA ASP B 238 -23.84 -25.55 -14.31
C ASP B 238 -24.37 -26.59 -13.33
N TYR B 239 -23.44 -27.21 -12.60
CA TYR B 239 -23.76 -28.23 -11.62
C TYR B 239 -24.79 -27.81 -10.57
N LEU B 240 -24.58 -26.65 -9.94
CA LEU B 240 -25.53 -26.18 -8.94
C LEU B 240 -26.86 -25.77 -9.60
N ILE B 241 -26.80 -25.19 -10.79
CA ILE B 241 -28.01 -24.78 -11.52
C ILE B 241 -28.90 -26.01 -11.80
N LYS B 242 -28.28 -27.15 -12.09
CA LYS B 242 -29.03 -28.37 -12.37
C LYS B 242 -29.81 -28.79 -11.12
N GLN B 243 -29.24 -28.51 -9.95
CA GLN B 243 -29.92 -28.84 -8.70
C GLN B 243 -31.04 -27.86 -8.42
N ARG B 244 -30.88 -26.60 -8.87
CA ARG B 244 -31.91 -25.57 -8.67
C ARG B 244 -33.11 -25.82 -9.57
N PHE B 245 -32.87 -26.47 -10.71
CA PHE B 245 -33.90 -26.83 -11.68
C PHE B 245 -33.90 -28.36 -11.72
N PRO B 246 -34.43 -29.03 -10.67
CA PRO B 246 -34.50 -30.49 -10.54
C PRO B 246 -35.10 -31.22 -11.73
N GLY B 247 -34.35 -32.20 -12.23
CA GLY B 247 -34.81 -32.99 -13.36
C GLY B 247 -34.89 -32.30 -14.71
N MET B 248 -34.56 -31.01 -14.77
CA MET B 248 -34.60 -30.29 -16.03
C MET B 248 -33.26 -30.36 -16.72
N THR B 249 -33.32 -30.55 -18.03
CA THR B 249 -32.13 -30.64 -18.86
C THR B 249 -31.64 -29.24 -19.16
N PRO B 250 -30.38 -29.10 -19.63
CA PRO B 250 -29.79 -27.80 -19.97
C PRO B 250 -30.69 -26.99 -20.93
N ALA B 251 -31.30 -27.67 -21.92
CA ALA B 251 -32.20 -27.02 -22.89
C ALA B 251 -33.44 -26.43 -22.21
N GLN B 252 -34.00 -27.18 -21.25
CA GLN B 252 -35.18 -26.73 -20.49
C GLN B 252 -34.83 -25.55 -19.60
N ILE B 253 -33.67 -25.63 -18.94
CA ILE B 253 -33.19 -24.55 -18.07
C ILE B 253 -32.98 -23.28 -18.91
N ARG B 254 -32.35 -23.43 -20.07
CA ARG B 254 -32.10 -22.29 -20.98
C ARG B 254 -33.45 -21.64 -21.41
N ARG B 255 -34.47 -22.47 -21.71
CA ARG B 255 -35.76 -21.94 -22.10
C ARG B 255 -36.38 -21.18 -20.92
N TYR B 256 -36.32 -21.77 -19.73
CA TYR B 256 -36.87 -21.15 -18.53
C TYR B 256 -36.22 -19.79 -18.27
N ALA B 257 -34.89 -19.77 -18.35
CA ALA B 257 -34.09 -18.57 -18.12
C ALA B 257 -34.30 -17.38 -19.03
N GLU B 258 -34.93 -17.60 -20.19
CA GLU B 258 -35.19 -16.52 -21.14
C GLU B 258 -36.02 -15.39 -20.55
N ARG B 259 -36.86 -15.74 -19.57
CA ARG B 259 -37.73 -14.78 -18.90
C ARG B 259 -36.94 -13.66 -18.24
N TRP B 260 -35.65 -13.91 -17.94
CA TRP B 260 -34.80 -12.92 -17.29
C TRP B 260 -33.97 -12.02 -18.20
N LYS B 261 -34.12 -12.17 -19.51
CA LYS B 261 -33.41 -11.35 -20.48
C LYS B 261 -33.87 -9.90 -20.21
N PRO B 262 -32.98 -8.91 -20.35
CA PRO B 262 -31.58 -8.94 -20.75
C PRO B 262 -30.57 -9.01 -19.60
N TRP B 263 -30.98 -9.54 -18.46
CA TRP B 263 -30.11 -9.64 -17.30
C TRP B 263 -29.91 -11.06 -16.78
N ARG B 264 -29.80 -12.05 -17.67
CA ARG B 264 -29.61 -13.43 -17.24
C ARG B 264 -28.38 -13.70 -16.40
N SER B 265 -27.37 -12.84 -16.51
CA SER B 265 -26.15 -13.00 -15.72
C SER B 265 -26.43 -12.69 -14.27
N TYR B 266 -27.22 -11.65 -14.02
CA TYR B 266 -27.58 -11.28 -12.64
C TYR B 266 -28.54 -12.33 -12.09
N ALA B 267 -29.44 -12.83 -12.94
CA ALA B 267 -30.42 -13.86 -12.59
C ALA B 267 -29.68 -15.10 -12.12
N LEU B 268 -28.62 -15.47 -12.84
CA LEU B 268 -27.80 -16.63 -12.51
C LEU B 268 -27.24 -16.54 -11.10
N LEU B 269 -26.63 -15.40 -10.76
CA LEU B 269 -26.06 -15.17 -9.44
C LEU B 269 -27.09 -15.27 -8.32
N HIS B 270 -28.26 -14.69 -8.52
CA HIS B 270 -29.31 -14.76 -7.52
C HIS B 270 -29.77 -16.21 -7.27
N ILE B 271 -29.97 -16.97 -8.34
CA ILE B 271 -30.40 -18.36 -8.20
C ILE B 271 -29.34 -19.16 -7.50
N TRP B 272 -28.08 -18.91 -7.85
CA TRP B 272 -26.96 -19.61 -7.22
C TRP B 272 -26.97 -19.37 -5.71
N TYR B 273 -27.29 -18.14 -5.31
CA TYR B 273 -27.33 -17.76 -3.91
C TYR B 273 -28.70 -17.67 -3.21
N THR B 274 -29.66 -18.41 -3.74
CA THR B 274 -31.01 -18.46 -3.15
C THR B 274 -31.20 -19.96 -2.89
N GLU B 275 -30.79 -20.39 -1.71
CA GLU B 275 -30.87 -21.80 -1.30
C GLU B 275 -32.19 -22.52 -1.52
N GLY B 276 -33.30 -21.86 -1.19
CA GLY B 276 -34.60 -22.49 -1.36
C GLY B 276 -35.34 -22.19 -2.65
N TRP B 277 -34.62 -21.72 -3.66
CA TRP B 277 -35.23 -21.39 -4.95
C TRP B 277 -35.62 -22.64 -5.72
N GLN B 278 -36.75 -22.55 -6.42
CA GLN B 278 -37.26 -23.63 -7.24
C GLN B 278 -38.09 -22.98 -8.32
N PRO B 279 -38.15 -23.60 -9.51
CA PRO B 279 -38.94 -23.05 -10.62
C PRO B 279 -40.46 -23.01 -10.50
N ASP B 280 -41.07 -22.12 -11.29
CA ASP B 280 -42.51 -21.92 -11.36
C ASP B 280 -43.12 -22.95 -12.31
N GLU B 281 -44.39 -23.28 -12.08
CA GLU B 281 -45.09 -24.26 -12.92
C GLU B 281 -45.90 -23.60 -14.04
N ALA B 282 -46.12 -24.34 -15.12
CA ALA B 282 -46.86 -23.85 -16.29
C ALA B 282 -47.96 -24.79 -16.81
#